data_2XT3
#
_entry.id   2XT3
#
_cell.length_a   45.920
_cell.length_b   79.790
_cell.length_c   94.840
_cell.angle_alpha   90.00
_cell.angle_beta   90.00
_cell.angle_gamma   90.00
#
_symmetry.space_group_name_H-M   'P 21 21 21'
#
loop_
_entity.id
_entity.type
_entity.pdbx_description
1 polymer 'KINESIN-LIKE PROTEIN KIF7'
2 non-polymer "ADENOSINE-5'-DIPHOSPHATE"
3 non-polymer 'MAGNESIUM ION'
4 water water
#
_entity_poly.entity_id   1
_entity_poly.type   'polypeptide(L)'
_entity_poly.pdbx_seq_one_letter_code
;GAMGLPGAEEAPVRVALRVRPLLPKELLHGHQSCLQVEPGLGRVTLGRDRHFGFHVVLAEDAGQEAVYQACVQPLLEAFF
EGFNATVFAYGQTGSGKTYTMGEASVASLLEDEQGIVPRAMAEAFKLIDENDLLDCLVHVSYLEVYKEEFRDLLEVGTAS
RDIQLREDERGNVVLCGVKEVDVEGLDEVLSLLEMGNAARHTGATHLNHLSSRSHTVFTVTLKQRGRAPSRLPRPAPGQL
LVSKFHFVDLAGSERVLKTGSTGELRKESIQINSSLLALGNVISALGDPQRRGSNIPYRDSKITRILKDSLGGNAKTVMI
ACVSPSSSDFDETLNTLNYASRAQ
;
_entity_poly.pdbx_strand_id   A
#
loop_
_chem_comp.id
_chem_comp.type
_chem_comp.name
_chem_comp.formula
ADP non-polymer ADENOSINE-5'-DIPHOSPHATE 'C10 H15 N5 O10 P2'
MG non-polymer 'MAGNESIUM ION' 'Mg 2'
#
# COMPACT_ATOMS: atom_id res chain seq x y z
N GLU A 9 15.81 -14.36 1.31
CA GLU A 9 15.79 -14.16 2.76
C GLU A 9 16.06 -12.70 3.13
N GLU A 10 16.02 -11.81 2.15
CA GLU A 10 16.21 -10.37 2.36
C GLU A 10 16.01 -9.61 1.06
N ALA A 11 15.23 -8.52 1.10
CA ALA A 11 14.97 -7.75 -0.12
C ALA A 11 14.69 -6.27 0.10
N PRO A 12 15.10 -5.44 -0.86
CA PRO A 12 14.84 -3.99 -0.72
C PRO A 12 13.34 -3.67 -0.89
N VAL A 13 12.88 -2.58 -0.29
CA VAL A 13 11.57 -2.03 -0.66
C VAL A 13 11.64 -1.64 -2.15
N ARG A 14 10.66 -2.05 -2.95
CA ARG A 14 10.68 -1.66 -4.35
C ARG A 14 9.86 -0.38 -4.50
N VAL A 15 10.36 0.61 -5.21
CA VAL A 15 9.64 1.86 -5.38
C VAL A 15 9.18 2.00 -6.84
N ALA A 16 7.87 2.16 -7.03
CA ALA A 16 7.32 2.36 -8.36
C ALA A 16 6.75 3.78 -8.39
N LEU A 17 6.90 4.49 -9.49
CA LEU A 17 6.26 5.81 -9.61
C LEU A 17 5.12 5.65 -10.60
N ARG A 18 3.93 6.16 -10.27
CA ARG A 18 2.83 6.12 -11.22
C ARG A 18 2.36 7.53 -11.53
N VAL A 19 2.48 7.91 -12.80
CA VAL A 19 2.05 9.24 -13.21
C VAL A 19 0.70 9.11 -13.88
N ARG A 20 -0.29 9.84 -13.39
CA ARG A 20 -1.62 9.76 -13.96
C ARG A 20 -1.71 10.81 -15.08
N PRO A 21 -2.71 10.68 -15.96
CA PRO A 21 -2.99 11.71 -16.97
C PRO A 21 -3.34 13.04 -16.31
N LEU A 22 -3.14 14.12 -17.06
CA LEU A 22 -3.71 15.39 -16.67
C LEU A 22 -5.24 15.20 -16.80
N LEU A 23 -5.97 15.66 -15.79
CA LEU A 23 -7.42 15.48 -15.74
C LEU A 23 -8.08 16.63 -16.49
N PRO A 24 -9.25 16.38 -17.10
CA PRO A 24 -10.08 17.38 -17.80
C PRO A 24 -10.17 18.68 -17.01
N LYS A 25 -10.47 18.54 -15.73
CA LYS A 25 -10.60 19.68 -14.84
C LYS A 25 -9.34 20.53 -14.79
N GLU A 26 -8.20 19.85 -14.73
CA GLU A 26 -6.91 20.50 -14.69
C GLU A 26 -6.63 21.22 -16.01
N LEU A 27 -6.94 20.55 -17.12
CA LEU A 27 -6.75 21.17 -18.43
C LEU A 27 -7.60 22.44 -18.56
N LEU A 28 -8.86 22.35 -18.13
CA LEU A 28 -9.80 23.45 -18.29
C LEU A 28 -9.45 24.64 -17.42
N HIS A 29 -8.71 24.38 -16.35
CA HIS A 29 -8.16 25.47 -15.55
C HIS A 29 -6.77 25.99 -16.03
N GLY A 30 -6.32 25.55 -17.18
CA GLY A 30 -5.14 26.16 -17.76
C GLY A 30 -3.83 25.52 -17.37
N HIS A 31 -3.90 24.34 -16.76
CA HIS A 31 -2.68 23.67 -16.35
C HIS A 31 -2.18 22.73 -17.46
N GLN A 32 -0.90 22.44 -17.43
CA GLN A 32 -0.29 21.55 -18.42
C GLN A 32 0.72 20.70 -17.69
N SER A 33 1.18 19.64 -18.35
CA SER A 33 2.13 18.74 -17.70
C SER A 33 3.48 19.38 -17.46
N CYS A 34 4.04 19.13 -16.28
CA CYS A 34 5.39 19.54 -15.94
C CYS A 34 6.33 18.34 -15.73
N LEU A 35 5.91 17.18 -16.23
CA LEU A 35 6.68 15.94 -16.11
C LEU A 35 6.91 15.30 -17.45
N GLN A 36 8.17 14.97 -17.74
CA GLN A 36 8.50 14.15 -18.89
C GLN A 36 8.83 12.79 -18.32
N VAL A 37 8.09 11.80 -18.76
CA VAL A 37 8.18 10.49 -18.15
C VAL A 37 8.88 9.58 -19.13
N GLU A 38 9.90 8.86 -18.66
CA GLU A 38 10.58 7.88 -19.51
C GLU A 38 10.56 6.47 -18.92
N PRO A 39 9.44 5.74 -19.13
CA PRO A 39 9.26 4.42 -18.49
C PRO A 39 10.36 3.41 -18.79
N GLY A 40 10.85 3.34 -20.02
CA GLY A 40 11.85 2.36 -20.36
C GLY A 40 13.23 2.66 -19.78
N LEU A 41 13.42 3.91 -19.36
CA LEU A 41 14.67 4.33 -18.70
C LEU A 41 14.51 4.36 -17.18
N GLY A 42 13.32 3.99 -16.71
CA GLY A 42 13.01 4.04 -15.30
C GLY A 42 13.15 5.44 -14.71
N ARG A 43 12.81 6.46 -15.46
CA ARG A 43 13.04 7.78 -14.91
C ARG A 43 12.04 8.86 -15.34
N VAL A 44 12.05 9.97 -14.61
N VAL A 44 12.03 9.96 -14.58
CA VAL A 44 11.17 11.11 -14.88
CA VAL A 44 11.19 11.12 -14.88
C VAL A 44 11.93 12.43 -14.70
C VAL A 44 12.00 12.41 -14.76
N THR A 45 11.53 13.46 -15.44
CA THR A 45 12.16 14.78 -15.33
C THR A 45 11.09 15.78 -14.93
N LEU A 46 11.29 16.45 -13.80
CA LEU A 46 10.36 17.46 -13.31
C LEU A 46 10.85 18.85 -13.76
N GLY A 47 9.98 19.61 -14.41
CA GLY A 47 10.35 20.91 -14.96
C GLY A 47 11.49 20.72 -15.95
N ARG A 48 12.40 21.67 -15.99
CA ARG A 48 13.47 21.60 -16.97
C ARG A 48 14.56 20.59 -16.56
N ASP A 49 15.06 20.68 -15.33
CA ASP A 49 16.25 19.90 -14.96
C ASP A 49 16.24 19.16 -13.63
N ARG A 50 15.08 18.66 -13.19
CA ARG A 50 15.04 17.82 -12.01
C ARG A 50 14.83 16.36 -12.45
N HIS A 51 15.89 15.56 -12.44
CA HIS A 51 15.82 14.14 -12.82
C HIS A 51 15.73 13.14 -11.64
N PHE A 52 14.84 12.16 -11.76
CA PHE A 52 14.62 11.15 -10.71
C PHE A 52 14.49 9.78 -11.33
N GLY A 53 15.15 8.80 -10.73
CA GLY A 53 15.04 7.44 -11.19
C GLY A 53 14.37 6.58 -10.13
N PHE A 54 13.57 5.62 -10.58
CA PHE A 54 12.88 4.66 -9.68
C PHE A 54 12.97 3.24 -10.22
N HIS A 55 12.68 2.26 -9.38
CA HIS A 55 12.73 0.87 -9.83
C HIS A 55 11.76 0.59 -10.97
N VAL A 56 10.60 1.22 -10.88
CA VAL A 56 9.60 1.07 -11.91
C VAL A 56 8.99 2.43 -12.13
N VAL A 57 8.88 2.82 -13.40
CA VAL A 57 8.20 4.09 -13.71
C VAL A 57 7.06 3.76 -14.66
N LEU A 58 5.85 4.16 -14.28
CA LEU A 58 4.65 3.89 -15.09
C LEU A 58 4.05 5.20 -15.59
N ALA A 59 3.91 5.32 -16.92
CA ALA A 59 3.40 6.59 -17.49
C ALA A 59 1.89 6.63 -17.54
N GLU A 60 1.34 7.75 -18.01
CA GLU A 60 -0.11 7.98 -17.96
C GLU A 60 -0.84 6.96 -18.80
N ASP A 61 -0.17 6.35 -19.76
CA ASP A 61 -0.86 5.38 -20.58
C ASP A 61 -0.75 3.94 -20.07
N ALA A 62 -0.10 3.73 -18.93
CA ALA A 62 -0.08 2.41 -18.29
C ALA A 62 -1.41 2.12 -17.59
N GLY A 63 -2.09 1.07 -18.03
CA GLY A 63 -3.41 0.76 -17.54
C GLY A 63 -3.28 -0.02 -16.24
N GLN A 64 -4.42 -0.31 -15.63
CA GLN A 64 -4.47 -1.05 -14.37
C GLN A 64 -3.79 -2.41 -14.43
N GLU A 65 -4.03 -3.16 -15.50
CA GLU A 65 -3.38 -4.46 -15.60
C GLU A 65 -1.86 -4.33 -15.64
N ALA A 66 -1.35 -3.30 -16.30
CA ALA A 66 0.09 -3.09 -16.37
C ALA A 66 0.70 -2.76 -15.01
N VAL A 67 0.01 -1.93 -14.23
CA VAL A 67 0.45 -1.61 -12.89
C VAL A 67 0.50 -2.90 -12.08
N TYR A 68 -0.56 -3.69 -12.19
CA TYR A 68 -0.65 -4.89 -11.39
C TYR A 68 0.51 -5.87 -11.72
N GLN A 69 0.75 -6.08 -13.01
CA GLN A 69 1.84 -6.96 -13.44
C GLN A 69 3.24 -6.46 -13.08
N ALA A 70 3.46 -5.16 -13.15
CA ALA A 70 4.76 -4.59 -12.85
C ALA A 70 5.05 -4.58 -11.36
N CYS A 71 4.05 -4.27 -10.56
CA CYS A 71 4.24 -3.95 -9.14
C CYS A 71 3.80 -5.05 -8.18
N VAL A 72 2.74 -5.75 -8.52
CA VAL A 72 2.08 -6.54 -7.51
C VAL A 72 2.14 -8.03 -7.72
N GLN A 73 2.02 -8.47 -8.96
CA GLN A 73 2.00 -9.91 -9.19
C GLN A 73 3.20 -10.63 -8.53
N PRO A 74 4.42 -10.08 -8.64
CA PRO A 74 5.52 -10.78 -7.95
C PRO A 74 5.40 -10.81 -6.41
N LEU A 75 4.69 -9.88 -5.80
CA LEU A 75 4.41 -10.00 -4.36
C LEU A 75 3.50 -11.19 -4.09
N LEU A 76 2.51 -11.37 -4.97
CA LEU A 76 1.52 -12.41 -4.78
C LEU A 76 2.22 -13.77 -4.74
N GLU A 77 3.26 -13.91 -5.55
CA GLU A 77 4.02 -15.13 -5.57
C GLU A 77 4.78 -15.41 -4.26
N ALA A 78 5.43 -14.40 -3.69
CA ALA A 78 6.12 -14.56 -2.39
C ALA A 78 5.15 -14.83 -1.22
N PHE A 79 3.98 -14.19 -1.26
CA PHE A 79 2.88 -14.41 -0.33
C PHE A 79 2.52 -15.89 -0.24
N PHE A 80 2.38 -16.55 -1.39
CA PHE A 80 2.04 -17.98 -1.37
C PHE A 80 3.22 -18.87 -0.92
N GLU A 81 4.42 -18.34 -0.99
CA GLU A 81 5.58 -19.06 -0.46
C GLU A 81 5.65 -18.90 1.05
N GLY A 82 4.79 -18.05 1.59
CA GLY A 82 4.76 -17.82 3.02
C GLY A 82 5.50 -16.59 3.50
N PHE A 83 5.88 -15.67 2.60
CA PHE A 83 6.49 -14.39 2.99
C PHE A 83 5.35 -13.40 3.23
N ASN A 84 5.56 -12.42 4.11
CA ASN A 84 4.56 -11.33 4.20
C ASN A 84 4.84 -10.33 3.07
N ALA A 85 3.81 -9.59 2.66
CA ALA A 85 3.97 -8.63 1.57
C ALA A 85 3.15 -7.41 1.91
N THR A 86 3.61 -6.24 1.48
CA THR A 86 2.67 -5.11 1.46
C THR A 86 2.84 -4.26 0.23
N VAL A 87 1.72 -3.73 -0.25
CA VAL A 87 1.80 -2.72 -1.29
C VAL A 87 1.11 -1.51 -0.76
N PHE A 88 1.80 -0.36 -0.82
CA PHE A 88 1.13 0.84 -0.38
CA PHE A 88 1.33 0.96 -0.33
C PHE A 88 1.09 1.87 -1.50
N ALA A 89 0.06 2.70 -1.47
CA ALA A 89 -0.06 3.81 -2.43
C ALA A 89 0.15 5.09 -1.62
N TYR A 90 1.07 5.93 -2.09
CA TYR A 90 1.48 7.15 -1.41
C TYR A 90 1.37 8.32 -2.39
N GLY A 91 0.96 9.49 -1.90
CA GLY A 91 0.91 10.65 -2.79
C GLY A 91 -0.11 11.69 -2.38
N GLN A 92 -0.09 12.86 -3.00
CA GLN A 92 -1.02 13.88 -2.54
C GLN A 92 -2.46 13.49 -2.88
N THR A 93 -3.42 14.06 -2.15
CA THR A 93 -4.81 13.85 -2.53
C THR A 93 -5.01 14.27 -3.97
N GLY A 94 -5.72 13.45 -4.72
CA GLY A 94 -5.97 13.72 -6.13
C GLY A 94 -4.98 13.05 -7.08
N SER A 95 -3.92 12.46 -6.52
CA SER A 95 -2.85 11.85 -7.34
C SER A 95 -3.18 10.48 -7.96
N GLY A 96 -4.05 9.71 -7.31
CA GLY A 96 -4.54 8.44 -7.86
C GLY A 96 -4.36 7.19 -6.99
N LYS A 97 -4.16 7.40 -5.69
CA LYS A 97 -3.93 6.29 -4.75
C LYS A 97 -5.10 5.31 -4.73
N THR A 98 -6.31 5.84 -4.55
CA THR A 98 -7.49 4.96 -4.45
C THR A 98 -7.79 4.30 -5.76
N TYR A 99 -7.62 5.04 -6.84
CA TYR A 99 -7.84 4.51 -8.17
C TYR A 99 -6.88 3.35 -8.39
N THR A 100 -5.64 3.57 -7.99
CA THR A 100 -4.59 2.57 -8.13
C THR A 100 -4.86 1.34 -7.24
N MET A 101 -5.11 1.56 -5.96
CA MET A 101 -5.25 0.43 -5.04
C MET A 101 -6.54 -0.37 -5.28
N GLY A 102 -7.58 0.30 -5.75
CA GLY A 102 -8.75 -0.38 -6.28
C GLY A 102 -9.71 -0.98 -5.26
N GLU A 103 -9.67 -0.49 -4.03
CA GLU A 103 -10.49 -1.08 -2.97
CA GLU A 103 -10.50 -1.07 -2.96
C GLU A 103 -11.88 -0.42 -2.87
N ALA A 104 -12.08 0.64 -3.64
CA ALA A 104 -13.34 1.38 -3.60
C ALA A 104 -14.24 1.13 -4.81
N ASP A 112 -10.92 -4.22 -16.14
CA ASP A 112 -10.82 -3.00 -16.95
C ASP A 112 -10.20 -1.83 -16.17
N GLU A 113 -11.05 -1.09 -15.45
CA GLU A 113 -10.60 0.02 -14.59
C GLU A 113 -10.42 -0.43 -13.13
N GLN A 114 -10.67 -1.71 -12.86
CA GLN A 114 -10.49 -2.21 -11.50
C GLN A 114 -9.01 -2.11 -11.15
N GLY A 115 -8.72 -1.81 -9.88
CA GLY A 115 -7.35 -1.66 -9.41
C GLY A 115 -6.70 -2.91 -8.84
N ILE A 116 -5.72 -2.68 -8.00
CA ILE A 116 -4.86 -3.76 -7.56
C ILE A 116 -5.59 -4.84 -6.75
N VAL A 117 -6.44 -4.44 -5.82
CA VAL A 117 -7.01 -5.44 -4.89
C VAL A 117 -7.84 -6.55 -5.56
N PRO A 118 -8.80 -6.18 -6.42
CA PRO A 118 -9.60 -7.20 -7.11
C PRO A 118 -8.75 -8.10 -7.98
N ARG A 119 -7.72 -7.55 -8.63
CA ARG A 119 -6.85 -8.35 -9.48
C ARG A 119 -6.02 -9.31 -8.64
N ALA A 120 -5.49 -8.82 -7.53
CA ALA A 120 -4.67 -9.69 -6.68
C ALA A 120 -5.55 -10.77 -6.05
N MET A 121 -6.79 -10.44 -5.72
CA MET A 121 -7.64 -11.43 -5.04
C MET A 121 -8.14 -12.48 -6.03
N ALA A 122 -8.46 -12.02 -7.24
CA ALA A 122 -8.85 -12.93 -8.29
C ALA A 122 -7.75 -13.96 -8.49
N GLU A 123 -6.50 -13.49 -8.57
CA GLU A 123 -5.36 -14.37 -8.86
C GLU A 123 -5.07 -15.30 -7.68
N ALA A 124 -5.19 -14.78 -6.46
CA ALA A 124 -5.04 -15.59 -5.25
C ALA A 124 -5.93 -16.85 -5.25
N PHE A 125 -7.21 -16.67 -5.55
CA PHE A 125 -8.15 -17.79 -5.49
C PHE A 125 -7.91 -18.79 -6.62
N LYS A 126 -7.43 -18.30 -7.76
CA LYS A 126 -6.98 -19.19 -8.83
C LYS A 126 -5.75 -19.98 -8.39
N LEU A 127 -4.82 -19.33 -7.70
CA LEU A 127 -3.62 -20.04 -7.21
C LEU A 127 -4.01 -21.11 -6.20
N ILE A 128 -4.96 -20.81 -5.33
CA ILE A 128 -5.44 -21.79 -4.36
C ILE A 128 -6.03 -23.02 -5.05
N ASP A 129 -6.76 -22.79 -6.13
CA ASP A 129 -7.37 -23.86 -6.90
C ASP A 129 -6.30 -24.73 -7.59
N GLU A 130 -5.23 -24.09 -8.02
CA GLU A 130 -4.10 -24.76 -8.67
C GLU A 130 -3.22 -25.57 -7.72
N ASN A 131 -3.04 -25.11 -6.49
CA ASN A 131 -2.21 -25.80 -5.51
C ASN A 131 -2.98 -26.85 -4.74
N ASP A 132 -3.33 -27.94 -5.41
CA ASP A 132 -4.22 -28.93 -4.84
C ASP A 132 -3.62 -29.82 -3.76
N LEU A 133 -2.33 -29.70 -3.47
CA LEU A 133 -1.74 -30.45 -2.38
C LEU A 133 -1.80 -29.69 -1.08
N LEU A 134 -2.17 -28.42 -1.15
CA LEU A 134 -2.32 -27.58 0.06
C LEU A 134 -3.77 -27.38 0.45
N ASP A 135 -4.05 -27.40 1.75
CA ASP A 135 -5.34 -27.07 2.30
C ASP A 135 -5.24 -25.60 2.75
N CYS A 136 -6.01 -24.70 2.12
CA CYS A 136 -5.80 -23.27 2.34
C CYS A 136 -7.02 -22.59 2.95
N LEU A 137 -6.79 -21.63 3.84
CA LEU A 137 -7.88 -20.84 4.38
C LEU A 137 -7.48 -19.38 4.21
N VAL A 138 -8.40 -18.52 3.78
CA VAL A 138 -8.08 -17.11 3.58
C VAL A 138 -9.07 -16.33 4.44
N HIS A 139 -8.58 -15.34 5.18
CA HIS A 139 -9.49 -14.39 5.82
C HIS A 139 -8.99 -12.97 5.62
N VAL A 140 -9.89 -12.01 5.77
CA VAL A 140 -9.52 -10.62 5.50
C VAL A 140 -9.95 -9.74 6.69
N SER A 141 -9.24 -8.64 6.89
CA SER A 141 -9.70 -7.55 7.76
C SER A 141 -9.56 -6.22 7.01
N TYR A 142 -10.28 -5.21 7.48
CA TYR A 142 -10.28 -3.94 6.72
C TYR A 142 -10.39 -2.83 7.75
N LEU A 143 -9.34 -2.05 7.89
CA LEU A 143 -9.15 -1.16 9.02
C LEU A 143 -8.89 0.26 8.54
N GLU A 144 -9.36 1.24 9.30
CA GLU A 144 -9.05 2.62 9.01
C GLU A 144 -8.20 3.12 10.15
N VAL A 145 -7.21 3.93 9.84
CA VAL A 145 -6.43 4.56 10.87
C VAL A 145 -6.54 6.07 10.69
N TYR A 146 -6.95 6.75 11.75
CA TYR A 146 -7.15 8.20 11.73
C TYR A 146 -6.76 8.72 13.11
N LYS A 147 -5.79 9.63 13.14
CA LYS A 147 -5.29 10.19 14.39
C LYS A 147 -4.88 9.11 15.37
N GLU A 148 -4.19 8.10 14.86
CA GLU A 148 -3.69 6.99 15.65
C GLU A 148 -4.76 6.16 16.37
N GLU A 149 -5.98 6.18 15.83
CA GLU A 149 -7.04 5.30 16.35
C GLU A 149 -7.56 4.44 15.20
N PHE A 150 -7.90 3.19 15.48
CA PHE A 150 -8.46 2.30 14.47
C PHE A 150 -9.97 2.34 14.43
N ARG A 151 -10.53 2.13 13.24
CA ARG A 151 -11.94 1.80 13.10
C ARG A 151 -11.99 0.55 12.27
N ASP A 152 -12.73 -0.43 12.74
CA ASP A 152 -12.87 -1.69 12.02
C ASP A 152 -14.00 -1.58 11.03
N LEU A 153 -13.67 -1.58 9.75
CA LEU A 153 -14.69 -1.27 8.77
C LEU A 153 -15.64 -2.43 8.51
N LEU A 154 -15.27 -3.63 8.98
CA LEU A 154 -16.14 -4.79 8.81
C LEU A 154 -17.00 -5.02 10.05
N GLU A 155 -16.74 -4.25 11.09
CA GLU A 155 -17.58 -4.26 12.28
C GLU A 155 -18.08 -2.83 12.43
N VAL A 156 -17.32 -2.01 13.14
CA VAL A 156 -17.56 -0.56 13.24
C VAL A 156 -18.41 -0.21 14.44
N GLY A 157 -18.99 -1.22 15.05
CA GLY A 157 -19.56 -1.10 16.36
C GLY A 157 -18.43 -1.25 17.35
N THR A 158 -17.23 -1.41 16.85
CA THR A 158 -16.07 -1.63 17.70
C THR A 158 -15.39 -0.33 18.14
N ALA A 159 -15.41 -0.05 19.44
CA ALA A 159 -14.70 1.09 20.00
C ALA A 159 -13.23 1.03 19.60
N SER A 160 -12.64 2.20 19.35
CA SER A 160 -11.23 2.28 18.98
C SER A 160 -10.36 1.73 20.10
N ARG A 161 -10.77 1.97 21.35
CA ARG A 161 -10.02 1.56 22.52
C ARG A 161 -9.99 0.04 22.68
N ASP A 162 -10.87 -0.66 21.98
CA ASP A 162 -10.92 -2.12 22.09
C ASP A 162 -10.13 -2.86 21.01
N ILE A 163 -9.53 -2.10 20.12
CA ILE A 163 -8.59 -2.68 19.15
C ILE A 163 -7.17 -2.40 19.63
N GLN A 164 -6.35 -3.42 19.80
CA GLN A 164 -4.96 -3.19 20.17
C GLN A 164 -4.01 -3.83 19.19
N LEU A 165 -2.87 -3.20 19.02
CA LEU A 165 -1.82 -3.69 18.17
CA LEU A 165 -1.80 -3.71 18.17
C LEU A 165 -0.69 -4.20 19.05
N ARG A 166 -0.32 -5.47 18.89
CA ARG A 166 0.72 -6.05 19.73
C ARG A 166 1.72 -6.79 18.85
N GLU A 167 2.74 -7.32 19.48
CA GLU A 167 3.76 -8.08 18.75
C GLU A 167 4.06 -9.33 19.57
N ASP A 168 4.26 -10.46 18.95
CA ASP A 168 4.58 -11.65 19.73
C ASP A 168 6.09 -11.88 19.84
N GLU A 169 6.50 -12.97 20.48
CA GLU A 169 7.91 -13.15 20.76
C GLU A 169 8.73 -13.41 19.51
N ARG A 170 8.07 -13.97 18.49
CA ARG A 170 8.73 -14.23 17.22
C ARG A 170 8.71 -13.04 16.24
N GLY A 171 8.26 -11.88 16.72
CA GLY A 171 8.22 -10.68 15.90
C GLY A 171 6.97 -10.48 15.04
N ASN A 172 6.01 -11.40 15.15
CA ASN A 172 4.78 -11.32 14.35
C ASN A 172 3.84 -10.29 14.92
N VAL A 173 3.22 -9.52 14.05
CA VAL A 173 2.23 -8.55 14.48
C VAL A 173 0.97 -9.28 14.90
N VAL A 174 0.40 -8.88 16.04
CA VAL A 174 -0.82 -9.48 16.53
C VAL A 174 -1.87 -8.41 16.72
N LEU A 175 -2.98 -8.56 16.00
CA LEU A 175 -4.12 -7.66 16.16
C LEU A 175 -5.04 -8.25 17.18
N CYS A 176 -5.49 -7.43 18.10
CA CYS A 176 -6.46 -7.89 19.07
C CYS A 176 -7.72 -7.07 18.81
N GLY A 177 -8.86 -7.74 18.63
CA GLY A 177 -10.12 -7.04 18.59
C GLY A 177 -10.61 -6.62 17.22
N VAL A 178 -9.92 -7.07 16.18
CA VAL A 178 -10.25 -6.76 14.80
C VAL A 178 -11.03 -7.91 14.17
N LYS A 179 -12.09 -7.60 13.44
CA LYS A 179 -12.87 -8.65 12.79
C LYS A 179 -12.13 -9.26 11.60
N GLU A 180 -12.05 -10.58 11.57
CA GLU A 180 -11.45 -11.32 10.47
C GLU A 180 -12.54 -12.18 9.85
N VAL A 181 -12.68 -12.10 8.53
CA VAL A 181 -13.80 -12.76 7.84
C VAL A 181 -13.23 -13.76 6.83
N ASP A 182 -13.62 -15.02 6.96
CA ASP A 182 -13.16 -16.04 6.02
C ASP A 182 -13.79 -15.76 4.67
N VAL A 183 -13.04 -15.94 3.59
CA VAL A 183 -13.54 -15.67 2.24
C VAL A 183 -13.16 -16.83 1.33
N GLU A 184 -14.05 -17.25 0.44
CA GLU A 184 -13.67 -18.31 -0.51
C GLU A 184 -13.65 -17.92 -2.00
N GLY A 185 -13.95 -16.67 -2.30
CA GLY A 185 -13.99 -16.23 -3.67
C GLY A 185 -14.03 -14.72 -3.77
N LEU A 186 -13.78 -14.20 -4.97
CA LEU A 186 -13.66 -12.77 -5.17
C LEU A 186 -14.97 -12.04 -4.86
N ASP A 187 -16.08 -12.66 -5.25
CA ASP A 187 -17.41 -12.15 -4.97
C ASP A 187 -17.59 -11.81 -3.49
N GLU A 188 -17.17 -12.71 -2.61
CA GLU A 188 -17.26 -12.46 -1.17
C GLU A 188 -16.35 -11.32 -0.73
N VAL A 189 -15.16 -11.26 -1.31
CA VAL A 189 -14.23 -10.17 -1.01
C VAL A 189 -14.81 -8.83 -1.45
N LEU A 190 -15.33 -8.78 -2.67
CA LEU A 190 -15.92 -7.54 -3.19
C LEU A 190 -17.08 -7.05 -2.31
N SER A 191 -17.93 -7.99 -1.91
CA SER A 191 -19.03 -7.70 -1.00
C SER A 191 -18.56 -7.06 0.31
N LEU A 192 -17.50 -7.62 0.91
CA LEU A 192 -16.97 -7.04 2.14
C LEU A 192 -16.39 -5.66 1.94
N LEU A 193 -15.70 -5.46 0.82
CA LEU A 193 -15.13 -4.14 0.54
C LEU A 193 -16.24 -3.09 0.38
N GLU A 194 -17.34 -3.47 -0.27
CA GLU A 194 -18.45 -2.55 -0.49
C GLU A 194 -19.01 -2.12 0.86
N MET A 195 -19.17 -3.06 1.78
CA MET A 195 -19.74 -2.70 3.07
C MET A 195 -18.78 -1.93 3.96
N GLY A 196 -17.49 -2.24 3.87
CA GLY A 196 -16.50 -1.49 4.62
C GLY A 196 -16.44 -0.06 4.13
N ASN A 197 -16.56 0.12 2.82
CA ASN A 197 -16.50 1.44 2.23
C ASN A 197 -17.76 2.24 2.57
N ALA A 198 -18.91 1.56 2.54
CA ALA A 198 -20.15 2.17 2.99
C ALA A 198 -20.05 2.59 4.47
N ALA A 199 -19.48 1.70 5.29
CA ALA A 199 -19.37 1.96 6.73
C ALA A 199 -18.39 3.09 7.07
N ARG A 200 -17.46 3.36 6.17
CA ARG A 200 -16.49 4.41 6.46
C ARG A 200 -17.16 5.78 6.62
N HIS A 201 -18.13 6.09 5.75
CA HIS A 201 -18.87 7.35 5.86
C HIS A 201 -19.81 7.33 7.06
N THR A 202 -20.96 6.67 6.90
CA THR A 202 -21.94 6.58 7.97
C THR A 202 -22.10 5.16 8.47
N HIS A 209 -14.64 14.27 9.22
CA HIS A 209 -13.58 13.28 9.04
C HIS A 209 -13.42 12.88 7.56
N LEU A 210 -12.22 13.11 7.00
CA LEU A 210 -11.98 12.89 5.57
C LEU A 210 -11.14 11.64 5.23
N SER A 211 -11.44 11.01 4.10
CA SER A 211 -10.68 9.86 3.61
C SER A 211 -9.23 10.21 3.26
N SER A 212 -8.98 11.49 3.04
CA SER A 212 -7.67 11.96 2.63
C SER A 212 -6.81 12.25 3.84
N ARG A 213 -7.40 12.20 5.04
CA ARG A 213 -6.62 12.42 6.25
C ARG A 213 -6.47 11.09 7.02
N SER A 214 -7.03 10.04 6.47
CA SER A 214 -6.88 8.72 7.11
C SER A 214 -6.23 7.67 6.18
N HIS A 215 -5.70 6.61 6.79
CA HIS A 215 -5.11 5.48 6.05
C HIS A 215 -6.09 4.35 6.12
N THR A 216 -6.13 3.51 5.09
CA THR A 216 -6.89 2.26 5.17
C THR A 216 -5.99 1.09 4.89
N VAL A 217 -6.23 -0.02 5.58
CA VAL A 217 -5.37 -1.19 5.46
C VAL A 217 -6.28 -2.38 5.28
N PHE A 218 -6.12 -3.04 4.13
CA PHE A 218 -6.89 -4.24 3.81
C PHE A 218 -5.88 -5.37 3.94
N THR A 219 -6.09 -6.25 4.91
CA THR A 219 -5.11 -7.34 5.14
C THR A 219 -5.68 -8.70 4.80
N VAL A 220 -4.94 -9.46 4.02
CA VAL A 220 -5.40 -10.78 3.63
C VAL A 220 -4.47 -11.76 4.28
N THR A 221 -5.01 -12.75 4.96
CA THR A 221 -4.17 -13.71 5.66
C THR A 221 -4.40 -15.06 4.96
N LEU A 222 -3.29 -15.71 4.61
CA LEU A 222 -3.31 -17.02 3.98
C LEU A 222 -2.73 -18.02 4.97
N LYS A 223 -3.50 -19.06 5.29
CA LYS A 223 -3.00 -20.19 6.08
C LYS A 223 -2.99 -21.43 5.20
N GLN A 224 -1.83 -22.06 5.07
CA GLN A 224 -1.67 -23.20 4.16
C GLN A 224 -1.16 -24.38 4.98
N ARG A 225 -1.81 -25.52 4.82
CA ARG A 225 -1.40 -26.72 5.52
C ARG A 225 -1.18 -27.82 4.48
N GLY A 226 -0.15 -28.63 4.66
CA GLY A 226 0.09 -29.73 3.74
C GLY A 226 -1.09 -30.70 3.71
N ARG A 227 -1.46 -31.12 2.50
CA ARG A 227 -2.35 -32.26 2.26
C ARG A 227 -3.86 -31.96 2.10
N ALA A 228 -4.29 -31.86 0.84
CA ALA A 228 -5.71 -31.94 0.47
C ALA A 228 -6.43 -30.60 0.47
N PRO A 229 -6.16 -29.77 -0.55
CA PRO A 229 -6.82 -28.46 -0.63
C PRO A 229 -8.29 -28.48 -0.17
N LEU A 240 1.40 -25.33 10.04
CA LEU A 240 0.59 -24.30 9.38
C LEU A 240 1.48 -23.13 8.92
N LEU A 241 1.52 -22.88 7.61
CA LEU A 241 2.27 -21.74 7.07
C LEU A 241 1.32 -20.55 6.92
N VAL A 242 1.65 -19.43 7.56
CA VAL A 242 0.75 -18.28 7.62
C VAL A 242 1.46 -17.07 7.06
N SER A 243 0.81 -16.33 6.17
CA SER A 243 1.40 -15.11 5.62
C SER A 243 0.32 -14.06 5.49
N LYS A 244 0.76 -12.81 5.34
CA LYS A 244 -0.15 -11.71 5.31
C LYS A 244 0.22 -10.89 4.09
N PHE A 245 -0.81 -10.34 3.44
CA PHE A 245 -0.61 -9.39 2.33
C PHE A 245 -1.44 -8.15 2.69
N HIS A 246 -0.76 -7.02 2.88
CA HIS A 246 -1.44 -5.80 3.25
C HIS A 246 -1.56 -4.92 2.02
N PHE A 247 -2.73 -4.32 1.83
CA PHE A 247 -2.95 -3.39 0.73
C PHE A 247 -3.28 -2.06 1.37
N VAL A 248 -2.44 -1.06 1.20
CA VAL A 248 -2.69 0.14 2.00
C VAL A 248 -2.79 1.42 1.17
N ASP A 249 -3.84 2.16 1.45
CA ASP A 249 -4.19 3.36 0.71
C ASP A 249 -3.96 4.44 1.74
N LEU A 250 -2.84 5.14 1.63
CA LEU A 250 -2.39 6.02 2.69
C LEU A 250 -3.14 7.38 2.64
N ALA A 251 -3.05 8.13 3.73
CA ALA A 251 -3.53 9.51 3.82
C ALA A 251 -2.79 10.36 2.81
N GLY A 252 -3.43 11.43 2.36
CA GLY A 252 -2.79 12.36 1.40
C GLY A 252 -1.56 12.96 2.01
N SER A 253 -0.51 13.13 1.18
CA SER A 253 0.79 13.49 1.69
C SER A 253 1.01 15.01 1.74
N GLU A 254 0.06 15.76 1.17
CA GLU A 254 0.22 17.23 1.09
C GLU A 254 0.52 17.86 2.44
N ARG A 255 1.33 18.91 2.43
CA ARG A 255 1.79 19.56 3.66
C ARG A 255 1.52 21.07 3.65
N VAL A 256 1.33 21.64 4.84
CA VAL A 256 1.12 23.07 5.01
C VAL A 256 2.43 23.85 4.80
N LEU A 257 3.54 23.28 5.28
CA LEU A 257 4.88 23.85 5.11
C LEU A 257 5.10 25.04 6.07
N GLN A 271 10.49 16.44 14.73
CA GLN A 271 10.63 16.07 13.32
C GLN A 271 9.58 15.05 12.90
N ILE A 272 9.58 13.87 13.53
CA ILE A 272 8.57 12.86 13.23
C ILE A 272 7.26 13.12 13.97
N ASN A 273 6.41 13.93 13.38
CA ASN A 273 5.13 14.27 14.02
CA ASN A 273 5.13 14.19 14.02
C ASN A 273 3.90 13.77 13.24
N SER A 274 4.12 13.03 12.16
CA SER A 274 3.00 12.53 11.36
C SER A 274 3.26 11.08 10.94
N SER A 275 2.20 10.31 10.70
CA SER A 275 2.38 8.89 10.37
C SER A 275 3.13 8.70 9.05
N LEU A 276 2.92 9.61 8.11
CA LEU A 276 3.68 9.58 6.85
C LEU A 276 5.17 9.82 7.04
N LEU A 277 5.52 10.69 7.98
CA LEU A 277 6.93 10.96 8.27
C LEU A 277 7.53 9.78 9.03
N ALA A 278 6.73 9.13 9.88
CA ALA A 278 7.21 7.92 10.56
C ALA A 278 7.47 6.80 9.55
N LEU A 279 6.53 6.61 8.62
CA LEU A 279 6.70 5.60 7.56
C LEU A 279 7.94 5.94 6.71
N GLY A 280 8.12 7.21 6.39
CA GLY A 280 9.26 7.62 5.57
C GLY A 280 10.57 7.39 6.28
N ASN A 281 10.57 7.62 7.58
CA ASN A 281 11.75 7.37 8.39
C ASN A 281 12.11 5.89 8.40
N VAL A 282 11.09 5.04 8.57
CA VAL A 282 11.29 3.60 8.52
C VAL A 282 11.83 3.12 7.18
N ILE A 283 11.17 3.51 6.09
CA ILE A 283 11.65 3.07 4.79
C ILE A 283 13.02 3.65 4.42
N SER A 284 13.29 4.90 4.79
CA SER A 284 14.63 5.48 4.69
C SER A 284 15.70 4.63 5.38
N ALA A 285 15.41 4.24 6.61
CA ALA A 285 16.33 3.41 7.39
C ALA A 285 16.60 2.10 6.71
N LEU A 286 15.55 1.48 6.21
CA LEU A 286 15.71 0.20 5.50
C LEU A 286 16.56 0.35 4.23
N GLY A 287 16.50 1.50 3.57
CA GLY A 287 17.23 1.70 2.33
C GLY A 287 18.64 2.24 2.53
N ASP A 288 18.98 2.54 3.78
CA ASP A 288 20.28 3.14 4.08
C ASP A 288 21.30 2.08 4.55
N PRO A 289 22.40 1.89 3.79
CA PRO A 289 23.33 0.82 4.18
C PRO A 289 23.94 1.00 5.56
N GLN A 290 24.03 2.22 6.05
CA GLN A 290 24.46 2.43 7.45
C GLN A 290 23.35 2.13 8.49
N ARG A 291 22.13 2.60 8.22
CA ARG A 291 21.01 2.44 9.16
C ARG A 291 20.28 1.09 9.08
N ARG A 292 20.39 0.38 7.95
CA ARG A 292 19.46 -0.73 7.70
C ARG A 292 19.65 -1.92 8.62
N GLY A 293 20.82 -2.03 9.22
CA GLY A 293 21.11 -3.12 10.14
C GLY A 293 20.95 -2.70 11.60
N SER A 294 20.60 -1.45 11.84
CA SER A 294 20.41 -0.96 13.20
C SER A 294 18.94 -1.05 13.61
N ASN A 295 18.56 -0.35 14.68
CA ASN A 295 17.20 -0.44 15.20
C ASN A 295 16.19 0.39 14.38
N ILE A 296 15.33 -0.30 13.64
CA ILE A 296 14.31 0.38 12.82
C ILE A 296 13.14 0.85 13.70
N PRO A 297 12.86 2.15 13.70
CA PRO A 297 11.89 2.83 14.58
C PRO A 297 10.39 2.58 14.24
N TYR A 298 9.99 1.33 14.17
CA TYR A 298 8.60 0.98 13.86
C TYR A 298 7.57 1.53 14.87
N ARG A 299 8.01 1.71 16.10
CA ARG A 299 7.10 2.03 17.19
C ARG A 299 6.45 3.40 17.10
N ASP A 300 6.99 4.27 16.25
CA ASP A 300 6.54 5.67 16.16
C ASP A 300 5.11 5.92 15.70
N SER A 301 4.51 4.98 14.96
N SER A 301 4.51 4.94 15.03
CA SER A 301 3.15 5.15 14.49
CA SER A 301 3.19 5.12 14.45
C SER A 301 2.45 3.80 14.38
C SER A 301 2.45 3.79 14.36
N LYS A 302 1.12 3.83 14.45
CA LYS A 302 0.30 2.62 14.27
C LYS A 302 0.52 2.03 12.88
N ILE A 303 0.66 2.91 11.88
CA ILE A 303 0.88 2.39 10.51
C ILE A 303 2.16 1.60 10.36
N THR A 304 3.24 2.05 11.01
CA THR A 304 4.47 1.30 10.91
C THR A 304 4.47 0.09 11.85
N ARG A 305 3.72 0.18 12.94
CA ARG A 305 3.58 -0.96 13.86
C ARG A 305 2.76 -2.07 13.25
N ILE A 306 1.71 -1.74 12.51
CA ILE A 306 0.86 -2.79 12.02
C ILE A 306 1.59 -3.51 10.87
N LEU A 307 2.51 -2.80 10.23
CA LEU A 307 3.26 -3.34 9.08
C LEU A 307 4.62 -3.85 9.48
N LYS A 308 4.91 -3.89 10.77
CA LYS A 308 6.28 -4.15 11.19
C LYS A 308 6.86 -5.45 10.63
N ASP A 309 6.03 -6.50 10.57
CA ASP A 309 6.52 -7.81 10.07
C ASP A 309 6.38 -7.94 8.54
N SER A 310 5.98 -6.86 7.89
CA SER A 310 5.63 -6.92 6.48
C SER A 310 6.27 -5.78 5.70
N LEU A 311 7.32 -5.20 6.27
CA LEU A 311 7.97 -4.04 5.65
C LEU A 311 9.46 -4.26 5.63
N GLY A 312 10.02 -4.56 4.46
CA GLY A 312 11.44 -4.90 4.39
C GLY A 312 11.81 -6.07 5.30
N GLY A 313 13.11 -6.23 5.56
CA GLY A 313 13.58 -7.44 6.23
C GLY A 313 13.36 -8.65 5.34
N ASN A 314 12.69 -9.68 5.88
CA ASN A 314 12.32 -10.84 5.10
C ASN A 314 10.99 -10.69 4.32
N ALA A 315 10.35 -9.53 4.41
CA ALA A 315 9.05 -9.37 3.76
C ALA A 315 9.29 -8.69 2.41
N LYS A 316 8.28 -8.68 1.54
CA LYS A 316 8.45 -8.06 0.21
C LYS A 316 7.51 -6.88 0.23
N THR A 317 8.03 -5.73 -0.15
CA THR A 317 7.26 -4.52 -0.06
C THR A 317 7.40 -3.70 -1.34
N VAL A 318 6.30 -3.11 -1.80
CA VAL A 318 6.34 -2.17 -2.92
C VAL A 318 5.62 -0.89 -2.51
N MET A 319 6.29 0.24 -2.68
CA MET A 319 5.62 1.53 -2.58
C MET A 319 5.25 2.06 -3.96
N ILE A 320 4.00 2.43 -4.16
CA ILE A 320 3.57 3.01 -5.43
C ILE A 320 3.37 4.49 -5.13
N ALA A 321 4.33 5.31 -5.54
CA ALA A 321 4.25 6.74 -5.35
C ALA A 321 3.43 7.30 -6.52
N CYS A 322 2.28 7.90 -6.20
CA CYS A 322 1.37 8.42 -7.24
C CYS A 322 1.61 9.92 -7.36
N VAL A 323 1.70 10.40 -8.61
CA VAL A 323 1.87 11.83 -8.80
C VAL A 323 0.93 12.38 -9.87
N SER A 324 0.52 13.63 -9.63
CA SER A 324 -0.13 14.43 -10.65
C SER A 324 0.95 15.07 -11.53
N PRO A 325 0.71 15.11 -12.85
CA PRO A 325 1.63 15.82 -13.75
C PRO A 325 1.29 17.29 -13.89
N SER A 326 0.22 17.74 -13.24
CA SER A 326 -0.22 19.13 -13.36
C SER A 326 0.79 20.11 -12.83
N SER A 327 1.05 21.18 -13.60
CA SER A 327 1.93 22.25 -13.11
C SER A 327 1.40 22.89 -11.83
N SER A 328 0.08 22.80 -11.60
CA SER A 328 -0.50 23.35 -10.38
C SER A 328 -0.05 22.56 -9.15
N ASP A 329 0.52 21.38 -9.38
CA ASP A 329 0.86 20.47 -8.29
C ASP A 329 2.36 20.25 -8.20
N PHE A 330 3.10 21.10 -8.90
CA PHE A 330 4.56 21.01 -8.94
C PHE A 330 5.23 20.76 -7.57
N ASP A 331 4.85 21.55 -6.56
CA ASP A 331 5.57 21.50 -5.28
C ASP A 331 5.30 20.17 -4.56
N GLU A 332 4.05 19.72 -4.58
CA GLU A 332 3.69 18.45 -3.95
C GLU A 332 4.24 17.26 -4.75
N THR A 333 4.27 17.41 -6.06
CA THR A 333 4.89 16.38 -6.88
C THR A 333 6.38 16.25 -6.55
N LEU A 334 7.08 17.38 -6.39
CA LEU A 334 8.47 17.37 -5.94
C LEU A 334 8.60 16.71 -4.58
N ASN A 335 7.73 17.08 -3.65
CA ASN A 335 7.72 16.42 -2.34
C ASN A 335 7.64 14.89 -2.42
N THR A 336 6.74 14.39 -3.26
CA THR A 336 6.56 12.95 -3.40
C THR A 336 7.76 12.29 -4.07
N LEU A 337 8.28 12.89 -5.14
CA LEU A 337 9.49 12.40 -5.80
C LEU A 337 10.64 12.30 -4.81
N ASN A 338 10.81 13.33 -3.99
CA ASN A 338 11.87 13.33 -2.97
C ASN A 338 11.63 12.26 -1.92
N TYR A 339 10.38 12.13 -1.49
CA TYR A 339 10.07 11.11 -0.47
C TYR A 339 10.32 9.71 -1.02
N ALA A 340 9.83 9.46 -2.22
CA ALA A 340 10.05 8.16 -2.84
C ALA A 340 11.54 7.87 -3.04
N SER A 341 12.33 8.89 -3.38
CA SER A 341 13.77 8.73 -3.59
C SER A 341 14.48 8.29 -2.32
N ARG A 342 14.02 8.76 -1.17
CA ARG A 342 14.63 8.42 0.11
C ARG A 342 14.44 6.95 0.46
N ALA A 343 13.45 6.31 -0.13
CA ALA A 343 13.23 4.89 0.10
C ALA A 343 14.14 3.99 -0.73
N GLN A 344 14.87 4.58 -1.67
CA GLN A 344 15.77 3.78 -2.51
C GLN A 344 17.22 3.78 -2.03
PB ADP B . -6.40 9.92 -4.34
O1B ADP B . -4.91 9.98 -4.42
O2B ADP B . -7.00 11.18 -3.77
O3B ADP B . -6.94 8.61 -3.81
PA ADP B . -8.07 9.27 -6.65
O1A ADP B . -7.82 7.81 -6.91
O2A ADP B . -9.27 9.76 -5.92
O3A ADP B . -6.82 9.93 -5.88
O5' ADP B . -7.97 9.98 -8.08
C5' ADP B . -8.32 11.37 -8.24
C4' ADP B . -9.02 11.51 -9.59
O4' ADP B . -8.13 11.15 -10.64
C3' ADP B . -10.17 10.52 -9.68
O3' ADP B . -11.23 11.13 -10.45
C2' ADP B . -9.62 9.35 -10.46
O2' ADP B . -10.63 8.67 -11.22
C1' ADP B . -8.62 10.01 -11.37
N9 ADP B . -7.44 9.14 -11.69
C8 ADP B . -6.49 8.79 -10.80
N7 ADP B . -5.55 8.05 -11.40
C5 ADP B . -5.86 7.90 -12.69
C6 ADP B . -5.27 7.22 -13.87
N6 ADP B . -4.11 6.54 -13.80
N1 ADP B . -5.92 7.30 -15.04
C2 ADP B . -7.07 8.00 -15.14
N3 ADP B . -7.67 8.64 -14.12
C4 ADP B . -7.13 8.63 -12.88
MG MG C . -8.15 8.46 -2.13
#